data_6HLB
#
_entry.id   6HLB
#
_cell.length_a   133.255
_cell.length_b   133.255
_cell.length_c   157.351
_cell.angle_alpha   90.00
_cell.angle_beta   90.00
_cell.angle_gamma   120.00
#
_symmetry.space_group_name_H-M   'P 65 2 2'
#
loop_
_entity.id
_entity.type
_entity.pdbx_description
1 polymer Furin
2 polymer PHE-(ALN)-ARG-ARG-ARG-ARG-SLL-ARG-00S
3 non-polymer 'CALCIUM ION'
4 non-polymer 'SODIUM ION'
5 non-polymer 'CHLORIDE ION'
6 non-polymer 'PHOSPHATE ION'
7 non-polymer 'DIMETHYL SULFOXIDE'
8 water water
#
loop_
_entity_poly.entity_id
_entity_poly.type
_entity_poly.pdbx_seq_one_letter_code
_entity_poly.pdbx_strand_id
1 'polypeptide(L)'
;DVYQEPTDPKFPQQWYLSGVTQRDLNVKAAWAQGYTGHGIVVSILDDGIEKNHPDLAGNYDPGASFDVNDQDPDPQPRYT
QMNDNRHGTRCAGEVAAVANNGVCGVGVAYNARIGGVRMLDGEVTDAVEARSLGLNPNHIHIYSASWGPEDDGKTVDGPA
RLAEEAFFRGVSQGRGGLGSIFVWASGNGGREHDSCNCDGYTNSIYTLSISSATQFGNVPWYSEACSSTLATTYSSGNQN
EKQIVTTDLRQKCTESHTGTSASAPLAAGIIALTLEANKNLTWRDMQHLVVQTSKPAHLNANDWATNGVGRKVSHSYGYG
LLDAGAMVALAQNWTTVAPQRKCIIDILTEPKDIGKRLEVRKTVTACLGEPNHITRLEHAQARLTLSYNRRGDLAIHLVS
PMGTRSTLLAARPHDYSADGFNDWAFMTTHSWDEDPSGEWVLEIENTSEANNYGTLTKFTLVLYGTASGSLVPRGSHHHH
HH
;
A
2 'polypeptide(L)' F(ALN)RRRR(SLL)R(00S) B
#
# COMPACT_ATOMS: atom_id res chain seq x y z
N VAL A 2 2.03 35.58 -1.05
CA VAL A 2 1.73 34.61 -0.01
C VAL A 2 0.62 33.66 -0.49
N TYR A 3 0.71 32.40 -0.07
CA TYR A 3 -0.27 31.41 -0.48
C TYR A 3 -1.61 31.68 0.21
N GLN A 4 -2.69 31.60 -0.57
CA GLN A 4 -4.05 31.74 -0.07
C GLN A 4 -4.70 30.36 -0.06
N GLU A 5 -5.14 29.92 1.11
CA GLU A 5 -5.73 28.59 1.24
C GLU A 5 -7.14 28.56 0.65
N PRO A 6 -7.62 27.38 0.26
CA PRO A 6 -8.92 27.30 -0.43
C PRO A 6 -10.08 27.85 0.38
N THR A 7 -11.13 28.25 -0.33
CA THR A 7 -12.34 28.84 0.24
C THR A 7 -13.55 27.93 0.13
N ASP A 8 -13.37 26.68 -0.29
CA ASP A 8 -14.49 25.78 -0.49
C ASP A 8 -15.27 25.60 0.82
N PRO A 9 -16.58 25.37 0.74
CA PRO A 9 -17.41 25.41 1.97
C PRO A 9 -17.07 24.34 2.99
N LYS A 10 -16.61 23.16 2.58
CA LYS A 10 -16.29 22.09 3.52
C LYS A 10 -14.80 21.98 3.82
N PHE A 11 -13.95 22.81 3.19
CA PHE A 11 -12.53 22.78 3.51
C PHE A 11 -12.21 22.92 5.00
N PRO A 12 -12.92 23.75 5.78
CA PRO A 12 -12.64 23.78 7.23
C PRO A 12 -12.84 22.45 7.94
N GLN A 13 -13.62 21.53 7.39
CA GLN A 13 -13.83 20.23 8.01
C GLN A 13 -12.78 19.19 7.61
N GLN A 14 -11.87 19.52 6.70
CA GLN A 14 -10.82 18.59 6.26
C GLN A 14 -9.64 18.66 7.23
N TRP A 15 -9.90 18.17 8.44
CA TRP A 15 -8.95 18.26 9.55
C TRP A 15 -7.61 17.59 9.24
N TYR A 16 -7.59 16.58 8.37
CA TYR A 16 -6.38 15.80 8.08
C TYR A 16 -5.42 16.48 7.11
N LEU A 17 -5.84 17.57 6.46
CA LEU A 17 -4.97 18.25 5.50
C LEU A 17 -4.05 19.27 6.16
N SER A 18 -4.55 20.01 7.14
CA SER A 18 -3.77 21.07 7.76
C SER A 18 -4.45 21.52 9.04
N GLY A 19 -3.73 22.36 9.78
CA GLY A 19 -4.22 22.91 11.04
C GLY A 19 -3.06 23.23 11.96
N VAL A 20 -3.38 23.90 13.06
CA VAL A 20 -2.34 24.27 14.01
C VAL A 20 -2.05 23.18 15.04
N THR A 21 -2.82 22.09 15.05
CA THR A 21 -2.68 21.07 16.10
C THR A 21 -1.54 20.09 15.87
N GLN A 22 -1.09 19.93 14.61
CA GLN A 22 -0.06 18.98 14.12
C GLN A 22 -0.60 17.56 13.88
N ARG A 23 -1.89 17.30 14.13
CA ARG A 23 -2.49 16.02 13.72
C ARG A 23 -3.01 16.16 12.29
N ASP A 24 -2.07 16.24 11.35
CA ASP A 24 -2.42 16.36 9.94
C ASP A 24 -1.29 15.81 9.09
N LEU A 25 -1.52 15.77 7.77
CA LEU A 25 -0.57 15.23 6.80
C LEU A 25 0.30 16.33 6.20
N ASN A 26 0.21 17.56 6.70
CA ASN A 26 1.13 18.65 6.33
C ASN A 26 1.04 18.94 4.84
N VAL A 27 -0.19 18.98 4.32
CA VAL A 27 -0.41 19.15 2.89
C VAL A 27 -0.34 20.63 2.51
N LYS A 28 -0.80 21.52 3.39
CA LYS A 28 -0.76 22.95 3.07
C LYS A 28 0.67 23.44 2.87
N ALA A 29 1.63 22.85 3.60
CA ALA A 29 3.03 23.23 3.40
C ALA A 29 3.53 22.88 2.01
N ALA A 30 3.03 21.80 1.40
CA ALA A 30 3.39 21.52 0.01
C ALA A 30 2.73 22.50 -0.95
N TRP A 31 1.45 22.81 -0.71
CA TRP A 31 0.75 23.80 -1.54
C TRP A 31 1.50 25.14 -1.56
N ALA A 32 1.96 25.59 -0.39
CA ALA A 32 2.66 26.88 -0.30
C ALA A 32 4.02 26.84 -0.99
N GLN A 33 4.65 25.67 -1.13
CA GLN A 33 5.86 25.60 -1.95
C GLN A 33 5.53 25.64 -3.44
N GLY A 34 4.26 25.67 -3.82
CA GLY A 34 3.86 25.77 -5.21
C GLY A 34 3.43 24.49 -5.89
N TYR A 35 3.21 23.40 -5.14
CA TYR A 35 2.85 22.11 -5.74
C TYR A 35 1.41 21.79 -5.43
N THR A 36 0.59 21.68 -6.48
CA THR A 36 -0.82 21.34 -6.36
C THR A 36 -1.23 20.21 -7.27
N GLY A 37 -0.31 19.65 -8.05
CA GLY A 37 -0.59 18.49 -8.88
C GLY A 37 -0.65 18.75 -10.37
N HIS A 38 -0.35 19.96 -10.83
N HIS A 38 -0.36 19.97 -10.83
CA HIS A 38 -0.48 20.28 -12.24
CA HIS A 38 -0.42 20.31 -12.25
C HIS A 38 0.38 19.35 -13.09
C HIS A 38 0.41 19.34 -13.08
N GLY A 39 -0.22 18.76 -14.11
CA GLY A 39 0.48 17.91 -15.04
C GLY A 39 0.59 16.44 -14.67
N ILE A 40 0.05 16.01 -13.53
CA ILE A 40 0.10 14.62 -13.09
C ILE A 40 -1.26 13.97 -13.32
N VAL A 41 -1.25 12.69 -13.67
CA VAL A 41 -2.44 11.91 -14.03
C VAL A 41 -2.58 10.75 -13.04
N VAL A 42 -3.74 10.65 -12.39
CA VAL A 42 -4.04 9.58 -11.44
C VAL A 42 -5.29 8.85 -11.91
N SER A 43 -5.28 7.52 -11.80
CA SER A 43 -6.45 6.70 -12.15
C SER A 43 -6.90 5.87 -10.96
N ILE A 44 -8.21 5.90 -10.70
CA ILE A 44 -8.88 5.16 -9.63
C ILE A 44 -9.43 3.88 -10.22
N LEU A 45 -8.92 2.73 -9.77
CA LEU A 45 -9.38 1.43 -10.24
C LEU A 45 -10.47 0.95 -9.27
N ASP A 46 -11.74 1.04 -9.68
CA ASP A 46 -12.80 0.79 -8.71
C ASP A 46 -14.12 0.46 -9.42
N ASP A 47 -15.25 0.96 -8.91
CA ASP A 47 -16.56 0.64 -9.48
C ASP A 47 -17.10 1.75 -10.38
N GLY A 48 -16.26 2.67 -10.84
CA GLY A 48 -16.67 3.76 -11.71
C GLY A 48 -16.42 5.12 -11.08
N ILE A 49 -16.56 6.15 -11.92
CA ILE A 49 -16.33 7.54 -11.49
C ILE A 49 -17.41 8.42 -12.12
N GLU A 50 -18.01 9.29 -11.32
CA GLU A 50 -19.07 10.19 -11.83
C GLU A 50 -18.38 11.36 -12.52
N LYS A 51 -18.18 11.21 -13.85
CA LYS A 51 -17.31 12.16 -14.54
C LYS A 51 -17.92 13.55 -14.66
N ASN A 52 -19.24 13.69 -14.46
CA ASN A 52 -19.91 14.98 -14.54
C ASN A 52 -20.18 15.58 -13.15
N HIS A 53 -19.54 15.08 -12.11
CA HIS A 53 -19.74 15.63 -10.76
C HIS A 53 -19.22 17.07 -10.73
N PRO A 54 -19.95 17.98 -10.08
CA PRO A 54 -19.51 19.39 -10.07
C PRO A 54 -18.14 19.62 -9.40
N ASP A 55 -17.66 18.73 -8.52
CA ASP A 55 -16.32 18.91 -7.98
C ASP A 55 -15.27 18.04 -8.66
N LEU A 56 -15.65 17.25 -9.69
CA LEU A 56 -14.68 16.48 -10.47
C LEU A 56 -14.56 16.88 -11.94
N ALA A 57 -15.61 17.47 -12.53
CA ALA A 57 -15.66 17.63 -13.98
C ALA A 57 -14.47 18.43 -14.52
N GLY A 58 -14.04 19.45 -13.79
CA GLY A 58 -12.96 20.30 -14.25
C GLY A 58 -11.59 19.64 -14.29
N ASN A 59 -11.41 18.52 -13.58
CA ASN A 59 -10.13 17.79 -13.60
C ASN A 59 -10.22 16.44 -14.31
N TYR A 60 -11.37 16.10 -14.88
CA TYR A 60 -11.58 14.76 -15.42
C TYR A 60 -10.76 14.55 -16.68
N ASP A 61 -10.19 13.35 -16.82
CA ASP A 61 -9.32 13.01 -17.94
C ASP A 61 -9.79 11.70 -18.56
N PRO A 62 -10.41 11.73 -19.75
CA PRO A 62 -10.84 10.47 -20.38
C PRO A 62 -9.68 9.56 -20.77
N GLY A 63 -8.47 10.09 -20.96
CA GLY A 63 -7.33 9.23 -21.24
C GLY A 63 -6.91 8.36 -20.08
N ALA A 64 -7.39 8.67 -18.87
CA ALA A 64 -7.09 7.88 -17.68
C ALA A 64 -8.25 6.97 -17.29
N SER A 65 -9.19 6.70 -18.20
CA SER A 65 -10.43 6.03 -17.87
C SER A 65 -10.78 4.95 -18.88
N PHE A 66 -11.54 3.96 -18.42
CA PHE A 66 -12.09 2.90 -19.27
C PHE A 66 -13.10 2.12 -18.45
N ASP A 67 -13.98 1.39 -19.14
CA ASP A 67 -14.98 0.54 -18.51
C ASP A 67 -14.66 -0.91 -18.92
N VAL A 68 -13.97 -1.64 -18.03
CA VAL A 68 -13.61 -3.02 -18.30
C VAL A 68 -14.80 -3.96 -18.11
N ASN A 69 -15.75 -3.61 -17.24
CA ASN A 69 -16.88 -4.50 -16.97
C ASN A 69 -17.81 -4.61 -18.18
N ASP A 70 -18.06 -3.50 -18.88
CA ASP A 70 -18.93 -3.50 -20.04
C ASP A 70 -18.21 -3.27 -21.36
N GLN A 71 -16.88 -3.18 -21.34
CA GLN A 71 -16.07 -3.09 -22.56
C GLN A 71 -16.44 -1.86 -23.40
N ASP A 72 -16.26 -0.69 -22.81
CA ASP A 72 -16.47 0.58 -23.50
C ASP A 72 -15.60 1.63 -22.81
N PRO A 73 -15.46 2.82 -23.41
CA PRO A 73 -14.56 3.82 -22.81
C PRO A 73 -15.16 4.67 -21.68
N ASP A 74 -16.47 4.56 -21.40
CA ASP A 74 -17.16 5.48 -20.48
C ASP A 74 -17.31 4.86 -19.11
N PRO A 75 -16.63 5.36 -18.07
CA PRO A 75 -16.64 4.70 -16.75
C PRO A 75 -17.76 5.11 -15.80
N GLN A 76 -18.85 5.69 -16.31
CA GLN A 76 -19.92 6.17 -15.45
C GLN A 76 -20.44 5.03 -14.58
N PRO A 77 -20.68 5.26 -13.29
CA PRO A 77 -21.19 4.18 -12.44
C PRO A 77 -22.65 3.83 -12.77
N ARG A 78 -23.04 2.63 -12.36
CA ARG A 78 -24.39 2.12 -12.53
C ARG A 78 -25.23 2.54 -11.32
N TYR A 79 -26.33 3.26 -11.55
CA TYR A 79 -27.14 3.82 -10.47
C TYR A 79 -28.15 2.79 -9.96
N THR A 80 -28.24 2.66 -8.64
CA THR A 80 -29.12 1.71 -7.98
C THR A 80 -29.73 2.37 -6.73
N GLN A 81 -30.80 1.76 -6.23
CA GLN A 81 -31.51 2.31 -5.08
C GLN A 81 -30.62 2.40 -3.84
N MET A 82 -29.68 1.48 -3.67
CA MET A 82 -28.80 1.52 -2.50
C MET A 82 -27.49 2.25 -2.73
N ASN A 83 -27.29 2.84 -3.91
CA ASN A 83 -26.04 3.56 -4.22
C ASN A 83 -24.82 2.68 -3.96
N ASP A 84 -24.87 1.44 -4.48
CA ASP A 84 -23.79 0.48 -4.27
C ASP A 84 -22.50 0.92 -4.96
N ASN A 85 -22.59 1.66 -6.05
CA ASN A 85 -21.42 2.01 -6.85
C ASN A 85 -20.93 3.43 -6.57
N ARG A 86 -21.04 3.88 -5.32
CA ARG A 86 -20.53 5.19 -4.89
C ARG A 86 -19.05 5.14 -4.50
N HIS A 87 -18.47 3.96 -4.40
CA HIS A 87 -17.15 3.80 -3.76
C HIS A 87 -16.05 4.52 -4.54
N GLY A 88 -16.04 4.36 -5.87
CA GLY A 88 -14.96 4.95 -6.67
C GLY A 88 -15.03 6.46 -6.74
N THR A 89 -16.25 7.01 -6.77
CA THR A 89 -16.41 8.47 -6.77
C THR A 89 -15.92 9.08 -5.45
N ARG A 90 -16.20 8.42 -4.32
CA ARG A 90 -15.65 8.89 -3.05
C ARG A 90 -14.11 8.88 -3.06
N CYS A 91 -13.50 7.83 -3.62
CA CYS A 91 -12.03 7.77 -3.65
C CYS A 91 -11.45 8.87 -4.55
N ALA A 92 -12.08 9.14 -5.70
CA ALA A 92 -11.56 10.13 -6.66
C ALA A 92 -11.50 11.53 -6.06
N GLY A 93 -12.53 11.93 -5.29
CA GLY A 93 -12.55 13.28 -4.74
C GLY A 93 -11.48 13.53 -3.70
N GLU A 94 -11.05 12.48 -3.00
CA GLU A 94 -9.92 12.62 -2.07
C GLU A 94 -8.65 13.07 -2.81
N VAL A 95 -8.44 12.56 -4.01
CA VAL A 95 -7.22 12.86 -4.77
C VAL A 95 -7.31 14.25 -5.39
N ALA A 96 -8.42 14.56 -6.10
CA ALA A 96 -8.38 15.63 -7.09
C ALA A 96 -9.70 16.42 -7.17
N ALA A 97 -10.41 16.59 -6.06
CA ALA A 97 -11.57 17.47 -6.11
C ALA A 97 -11.15 18.91 -6.36
N VAL A 98 -11.93 19.62 -7.19
CA VAL A 98 -11.56 20.97 -7.64
C VAL A 98 -11.58 21.95 -6.48
N ALA A 99 -10.65 22.90 -6.47
CA ALA A 99 -10.55 23.89 -5.41
C ALA A 99 -11.18 25.23 -5.82
N ASN A 100 -11.62 25.99 -4.81
CA ASN A 100 -12.07 27.39 -4.96
C ASN A 100 -13.21 27.53 -5.98
N ASN A 101 -14.15 26.60 -5.93
CA ASN A 101 -15.29 26.61 -6.84
C ASN A 101 -16.63 26.59 -6.10
N GLY A 102 -16.61 26.89 -4.80
CA GLY A 102 -17.83 26.95 -4.01
C GLY A 102 -18.56 25.63 -3.82
N VAL A 103 -17.89 24.48 -3.98
CA VAL A 103 -18.51 23.17 -3.93
C VAL A 103 -17.67 22.25 -3.03
N CYS A 104 -18.31 21.65 -2.02
CA CYS A 104 -17.75 20.57 -1.17
C CYS A 104 -16.37 21.00 -0.63
N GLY A 105 -15.34 20.16 -0.72
CA GLY A 105 -14.01 20.48 -0.20
C GLY A 105 -12.98 20.52 -1.31
N VAL A 106 -11.74 20.05 -1.07
CA VAL A 106 -10.70 20.02 -2.09
C VAL A 106 -9.94 18.71 -2.02
N GLY A 107 -9.36 18.29 -3.16
CA GLY A 107 -8.48 17.15 -3.17
C GLY A 107 -7.08 17.49 -2.68
N VAL A 108 -6.31 16.46 -2.32
CA VAL A 108 -4.90 16.68 -1.96
C VAL A 108 -4.16 17.31 -3.13
N ALA A 109 -4.42 16.84 -4.34
CA ALA A 109 -3.76 17.32 -5.55
C ALA A 109 -4.82 17.99 -6.43
N TYR A 110 -5.31 19.16 -6.00
CA TYR A 110 -6.56 19.67 -6.59
C TYR A 110 -6.40 20.22 -8.00
N ASN A 111 -5.18 20.26 -8.55
CA ASN A 111 -4.96 20.63 -9.96
C ASN A 111 -4.48 19.46 -10.81
N ALA A 112 -4.49 18.24 -10.28
CA ALA A 112 -4.10 17.07 -11.08
C ALA A 112 -5.26 16.64 -11.99
N ARG A 113 -4.96 15.78 -12.95
CA ARG A 113 -5.97 15.16 -13.80
C ARG A 113 -6.34 13.80 -13.22
N ILE A 114 -7.63 13.48 -13.25
CA ILE A 114 -8.18 12.33 -12.54
C ILE A 114 -9.06 11.51 -13.49
N GLY A 115 -8.86 10.19 -13.48
CA GLY A 115 -9.71 9.28 -14.24
C GLY A 115 -10.13 8.09 -13.39
N GLY A 116 -10.95 7.23 -14.00
CA GLY A 116 -11.39 6.03 -13.31
C GLY A 116 -11.52 4.82 -14.21
N VAL A 117 -11.18 3.63 -13.71
CA VAL A 117 -11.45 2.38 -14.42
C VAL A 117 -12.59 1.68 -13.72
N ARG A 118 -13.70 1.46 -14.44
CA ARG A 118 -14.84 0.70 -13.90
C ARG A 118 -14.54 -0.79 -14.09
N MET A 119 -14.21 -1.48 -13.00
CA MET A 119 -13.84 -2.90 -13.08
C MET A 119 -14.32 -3.76 -11.92
N LEU A 120 -14.86 -3.18 -10.83
CA LEU A 120 -15.39 -3.96 -9.72
C LEU A 120 -16.87 -4.35 -9.86
N ASP A 121 -17.61 -3.74 -10.80
CA ASP A 121 -19.06 -3.98 -10.92
C ASP A 121 -19.29 -5.14 -11.90
N GLY A 122 -18.96 -6.34 -11.43
CA GLY A 122 -18.98 -7.55 -12.23
C GLY A 122 -18.02 -8.56 -11.63
N GLU A 123 -17.90 -9.71 -12.30
CA GLU A 123 -16.97 -10.73 -11.83
C GLU A 123 -15.53 -10.27 -12.08
N VAL A 124 -14.71 -10.23 -11.03
CA VAL A 124 -13.36 -9.67 -11.11
C VAL A 124 -12.40 -10.84 -11.36
N THR A 125 -12.14 -11.12 -12.64
CA THR A 125 -11.21 -12.18 -13.02
C THR A 125 -9.77 -11.67 -13.09
N ASP A 126 -8.86 -12.62 -13.30
CA ASP A 126 -7.44 -12.29 -13.53
C ASP A 126 -7.29 -11.38 -14.75
N ALA A 127 -7.97 -11.69 -15.85
CA ALA A 127 -7.93 -10.84 -17.03
C ALA A 127 -8.46 -9.43 -16.75
N VAL A 128 -9.53 -9.32 -15.96
CA VAL A 128 -10.10 -8.00 -15.65
C VAL A 128 -9.09 -7.15 -14.89
N GLU A 129 -8.41 -7.75 -13.90
CA GLU A 129 -7.38 -7.02 -13.17
C GLU A 129 -6.23 -6.60 -14.08
N ALA A 130 -5.77 -7.51 -14.95
CA ALA A 130 -4.61 -7.22 -15.78
C ALA A 130 -4.90 -6.09 -16.76
N ARG A 131 -6.11 -6.07 -17.33
N ARG A 131 -6.11 -6.06 -17.33
CA ARG A 131 -6.47 -5.01 -18.27
CA ARG A 131 -6.42 -4.99 -18.28
C ARG A 131 -6.56 -3.65 -17.59
C ARG A 131 -6.56 -3.64 -17.59
N SER A 132 -6.90 -3.63 -16.29
CA SER A 132 -7.01 -2.36 -15.56
C SER A 132 -5.65 -1.84 -15.10
N LEU A 133 -4.81 -2.71 -14.53
CA LEU A 133 -3.47 -2.33 -14.11
C LEU A 133 -2.60 -1.90 -15.29
N GLY A 134 -2.86 -2.42 -16.48
CA GLY A 134 -2.07 -2.08 -17.65
C GLY A 134 -2.64 -1.02 -18.57
N LEU A 135 -3.63 -0.24 -18.08
CA LEU A 135 -4.27 0.77 -18.91
C LEU A 135 -3.34 1.95 -19.18
N ASN A 136 -3.12 2.26 -20.46
CA ASN A 136 -2.48 3.49 -20.93
C ASN A 136 -1.23 3.85 -20.11
N PRO A 137 -0.25 2.93 -20.01
CA PRO A 137 0.81 3.12 -19.01
C PRO A 137 1.81 4.22 -19.34
N ASN A 138 1.79 4.79 -20.54
CA ASN A 138 2.63 5.94 -20.84
C ASN A 138 1.88 7.26 -20.71
N HIS A 139 0.64 7.23 -20.21
CA HIS A 139 -0.12 8.45 -19.90
C HIS A 139 -0.47 8.55 -18.43
N ILE A 140 -0.97 7.47 -17.83
CA ILE A 140 -1.27 7.45 -16.40
C ILE A 140 0.04 7.31 -15.61
N HIS A 141 0.22 8.15 -14.58
CA HIS A 141 1.41 8.10 -13.74
C HIS A 141 1.21 7.21 -12.50
N ILE A 142 0.04 7.29 -11.88
CA ILE A 142 -0.24 6.72 -10.56
C ILE A 142 -1.57 5.98 -10.59
N TYR A 143 -1.59 4.73 -10.11
CA TYR A 143 -2.81 3.92 -10.01
C TYR A 143 -3.15 3.72 -8.53
N SER A 144 -4.44 3.85 -8.19
CA SER A 144 -4.90 3.72 -6.79
C SER A 144 -5.96 2.62 -6.70
N ALA A 145 -5.78 1.69 -5.75
CA ALA A 145 -6.65 0.52 -5.63
C ALA A 145 -7.09 0.36 -4.18
N SER A 146 -8.38 0.59 -3.92
CA SER A 146 -8.99 0.36 -2.61
C SER A 146 -9.87 -0.89 -2.64
N TRP A 147 -9.28 -2.03 -3.02
CA TRP A 147 -9.97 -3.31 -3.11
C TRP A 147 -8.94 -4.43 -2.98
N GLY A 148 -9.44 -5.66 -2.82
CA GLY A 148 -8.57 -6.83 -2.77
C GLY A 148 -9.29 -8.11 -2.38
N PRO A 149 -8.50 -9.15 -2.05
CA PRO A 149 -9.10 -10.42 -1.60
C PRO A 149 -9.91 -10.23 -0.33
N GLU A 150 -10.79 -11.20 -0.07
CA GLU A 150 -11.69 -11.13 1.08
C GLU A 150 -10.93 -11.02 2.39
N ASP A 151 -11.43 -10.18 3.29
CA ASP A 151 -10.86 -9.97 4.62
C ASP A 151 -11.56 -10.81 5.69
N ASP A 152 -11.78 -12.10 5.41
CA ASP A 152 -12.42 -12.98 6.37
C ASP A 152 -11.43 -13.61 7.35
N GLY A 153 -10.13 -13.33 7.23
CA GLY A 153 -9.20 -13.90 8.16
C GLY A 153 -8.86 -15.35 7.92
N LYS A 154 -9.25 -15.92 6.78
CA LYS A 154 -8.85 -17.28 6.45
C LYS A 154 -8.34 -17.46 5.02
N THR A 155 -8.33 -16.40 4.21
CA THR A 155 -7.91 -16.45 2.81
C THR A 155 -6.42 -16.20 2.65
N VAL A 156 -5.77 -16.94 1.74
CA VAL A 156 -4.41 -16.66 1.27
C VAL A 156 -4.51 -16.55 -0.25
N ASP A 157 -4.31 -15.34 -0.80
CA ASP A 157 -4.56 -15.15 -2.22
C ASP A 157 -3.82 -13.92 -2.70
N GLY A 158 -3.42 -13.94 -3.97
CA GLY A 158 -2.76 -12.81 -4.60
C GLY A 158 -2.95 -12.79 -6.10
N PRO A 159 -2.21 -11.93 -6.79
CA PRO A 159 -2.39 -11.82 -8.25
C PRO A 159 -2.05 -13.12 -8.97
N ALA A 160 -2.91 -13.50 -9.91
CA ALA A 160 -2.64 -14.63 -10.80
C ALA A 160 -1.72 -14.17 -11.94
N ARG A 161 -1.51 -15.03 -12.93
CA ARG A 161 -0.40 -14.84 -13.88
C ARG A 161 -0.53 -13.53 -14.67
N LEU A 162 -1.72 -13.26 -15.23
CA LEU A 162 -1.87 -12.05 -16.04
C LEU A 162 -1.67 -10.79 -15.21
N ALA A 163 -2.17 -10.78 -13.98
CA ALA A 163 -2.06 -9.60 -13.13
C ALA A 163 -0.62 -9.37 -12.67
N GLU A 164 0.10 -10.45 -12.37
CA GLU A 164 1.51 -10.31 -12.00
C GLU A 164 2.34 -9.82 -13.19
N GLU A 165 2.03 -10.32 -14.40
CA GLU A 165 2.68 -9.82 -15.61
C GLU A 165 2.41 -8.33 -15.80
N ALA A 166 1.20 -7.87 -15.43
CA ALA A 166 0.88 -6.45 -15.54
C ALA A 166 1.71 -5.60 -14.57
N PHE A 167 1.91 -6.08 -13.33
CA PHE A 167 2.80 -5.37 -12.41
C PHE A 167 4.22 -5.27 -12.97
N PHE A 168 4.78 -6.36 -13.50
CA PHE A 168 6.17 -6.29 -13.96
C PHE A 168 6.30 -5.39 -15.19
N ARG A 169 5.35 -5.47 -16.12
CA ARG A 169 5.37 -4.58 -17.30
C ARG A 169 5.27 -3.12 -16.87
N GLY A 170 4.43 -2.83 -15.88
CA GLY A 170 4.25 -1.45 -15.43
C GLY A 170 5.51 -0.85 -14.81
N VAL A 171 6.14 -1.57 -13.88
CA VAL A 171 7.32 -1.00 -13.23
C VAL A 171 8.54 -1.01 -14.15
N SER A 172 8.56 -1.83 -15.20
CA SER A 172 9.73 -1.89 -16.09
C SER A 172 9.65 -0.92 -17.25
N GLN A 173 8.50 -0.88 -17.94
CA GLN A 173 8.33 -0.08 -19.15
C GLN A 173 7.36 1.09 -18.98
N GLY A 174 6.51 1.10 -17.94
CA GLY A 174 5.58 2.20 -17.77
C GLY A 174 6.27 3.52 -17.45
N ARG A 175 5.52 4.62 -17.68
CA ARG A 175 6.03 5.98 -17.43
C ARG A 175 7.38 6.23 -18.10
N GLY A 176 7.51 5.79 -19.35
CA GLY A 176 8.75 6.00 -20.08
C GLY A 176 9.95 5.21 -19.56
N GLY A 177 9.72 4.06 -18.92
CA GLY A 177 10.80 3.29 -18.34
C GLY A 177 11.11 3.62 -16.89
N LEU A 178 10.48 4.65 -16.33
CA LEU A 178 10.69 4.96 -14.90
C LEU A 178 9.83 4.11 -13.99
N GLY A 179 8.71 3.55 -14.50
CA GLY A 179 7.88 2.63 -13.73
C GLY A 179 6.57 3.19 -13.18
N SER A 180 5.45 2.53 -13.45
CA SER A 180 4.15 2.92 -12.89
C SER A 180 4.19 2.91 -11.37
N ILE A 181 3.44 3.82 -10.76
CA ILE A 181 3.27 3.86 -9.30
C ILE A 181 1.94 3.21 -8.93
N PHE A 182 2.00 2.10 -8.20
CA PHE A 182 0.81 1.37 -7.73
C PHE A 182 0.64 1.59 -6.22
N VAL A 183 -0.49 2.19 -5.82
CA VAL A 183 -0.82 2.45 -4.41
C VAL A 183 -1.97 1.52 -3.99
N TRP A 184 -1.82 0.85 -2.83
CA TRP A 184 -2.78 -0.16 -2.38
C TRP A 184 -3.24 0.11 -0.94
N ALA A 185 -4.54 -0.13 -0.68
CA ALA A 185 -5.06 -0.10 0.68
C ALA A 185 -4.76 -1.44 1.36
N SER A 186 -4.21 -1.39 2.58
CA SER A 186 -3.71 -2.61 3.21
C SER A 186 -4.81 -3.57 3.71
N GLY A 187 -6.05 -3.13 3.94
CA GLY A 187 -7.13 -4.08 4.23
C GLY A 187 -8.03 -3.68 5.39
N ASN A 188 -9.23 -4.29 5.43
CA ASN A 188 -10.24 -4.01 6.45
C ASN A 188 -10.47 -5.18 7.41
N GLY A 189 -9.54 -6.13 7.51
CA GLY A 189 -9.81 -7.36 8.24
C GLY A 189 -9.46 -7.40 9.72
N GLY A 190 -9.34 -6.23 10.36
CA GLY A 190 -8.91 -6.19 11.74
C GLY A 190 -9.79 -6.98 12.71
N ARG A 191 -11.11 -6.89 12.54
CA ARG A 191 -12.03 -7.58 13.46
C ARG A 191 -11.89 -9.10 13.35
N GLU A 192 -11.44 -9.60 12.20
CA GLU A 192 -11.21 -11.02 11.97
C GLU A 192 -9.78 -11.46 12.29
N HIS A 193 -8.94 -10.56 12.84
CA HIS A 193 -7.53 -10.84 13.09
C HIS A 193 -6.79 -11.25 11.82
N ASP A 194 -7.13 -10.60 10.70
CA ASP A 194 -6.49 -10.86 9.43
C ASP A 194 -5.06 -10.30 9.41
N SER A 195 -4.20 -10.89 8.57
CA SER A 195 -2.82 -10.44 8.35
C SER A 195 -2.66 -9.99 6.91
N CYS A 196 -2.16 -8.76 6.71
CA CYS A 196 -2.01 -8.28 5.34
C CYS A 196 -0.81 -8.91 4.62
N ASN A 197 -0.03 -9.80 5.25
CA ASN A 197 0.96 -10.57 4.49
C ASN A 197 0.33 -11.76 3.75
N CYS A 198 -0.93 -12.10 4.06
CA CYS A 198 -1.67 -13.17 3.37
C CYS A 198 -2.43 -12.66 2.15
N ASP A 199 -2.14 -11.44 1.72
CA ASP A 199 -2.75 -10.73 0.59
C ASP A 199 -1.59 -10.42 -0.34
N GLY A 200 -1.58 -11.02 -1.54
CA GLY A 200 -0.45 -10.86 -2.43
C GLY A 200 -0.34 -9.49 -3.08
N TYR A 201 -1.44 -8.71 -3.10
CA TYR A 201 -1.40 -7.36 -3.67
C TYR A 201 -0.64 -6.41 -2.76
N THR A 202 -0.94 -6.44 -1.46
CA THR A 202 -0.28 -5.57 -0.49
C THR A 202 1.14 -6.05 -0.22
N ASN A 203 1.34 -7.37 -0.19
CA ASN A 203 2.61 -8.03 0.05
C ASN A 203 3.60 -7.87 -1.10
N SER A 204 3.16 -7.42 -2.28
CA SER A 204 4.04 -7.26 -3.44
C SER A 204 5.06 -6.15 -3.22
N ILE A 205 6.29 -6.34 -3.75
CA ILE A 205 7.26 -5.24 -3.68
C ILE A 205 6.87 -4.09 -4.62
N TYR A 206 6.04 -4.34 -5.62
CA TYR A 206 5.73 -3.32 -6.62
C TYR A 206 4.59 -2.37 -6.21
N THR A 207 3.96 -2.58 -5.05
CA THR A 207 2.92 -1.69 -4.55
C THR A 207 3.38 -1.01 -3.26
N LEU A 208 2.90 0.22 -3.03
CA LEU A 208 3.05 0.91 -1.75
C LEU A 208 1.80 0.65 -0.92
N SER A 209 1.91 -0.24 0.06
CA SER A 209 0.76 -0.61 0.89
C SER A 209 0.62 0.37 2.06
N ILE A 210 -0.59 0.93 2.22
CA ILE A 210 -0.88 2.06 3.11
C ILE A 210 -1.91 1.64 4.17
N SER A 211 -1.58 1.85 5.45
CA SER A 211 -2.51 1.62 6.57
C SER A 211 -3.12 2.94 7.09
N SER A 212 -3.92 2.83 8.16
CA SER A 212 -4.78 3.91 8.67
C SER A 212 -4.50 4.26 10.13
N ALA A 213 -4.73 5.52 10.49
CA ALA A 213 -4.74 5.95 11.90
C ALA A 213 -5.98 6.80 12.16
N THR A 214 -6.51 6.73 13.39
CA THR A 214 -7.66 7.55 13.77
C THR A 214 -7.21 8.98 14.14
N GLN A 215 -8.21 9.88 14.23
CA GLN A 215 -7.93 11.30 14.52
C GLN A 215 -7.11 11.46 15.79
N PHE A 216 -7.42 10.70 16.84
CA PHE A 216 -6.67 10.79 18.08
C PHE A 216 -5.39 9.94 18.08
N GLY A 217 -4.98 9.40 16.93
CA GLY A 217 -3.71 8.71 16.83
C GLY A 217 -3.69 7.26 17.26
N ASN A 218 -4.78 6.52 17.07
CA ASN A 218 -4.87 5.13 17.51
C ASN A 218 -5.02 4.20 16.31
N VAL A 219 -4.81 2.91 16.57
CA VAL A 219 -4.99 1.84 15.58
C VAL A 219 -6.48 1.55 15.43
N PRO A 220 -7.08 1.82 14.27
CA PRO A 220 -8.53 1.64 14.11
C PRO A 220 -8.95 0.17 14.22
N TRP A 221 -10.24 -0.03 14.49
CA TRP A 221 -10.77 -1.38 14.68
C TRP A 221 -10.58 -2.28 13.45
N TYR A 222 -10.63 -1.70 12.23
CA TYR A 222 -10.53 -2.48 10.99
C TYR A 222 -9.08 -2.74 10.54
N SER A 223 -8.08 -2.18 11.22
CA SER A 223 -6.69 -2.24 10.76
C SER A 223 -6.11 -3.66 10.79
N GLU A 224 -5.34 -4.01 9.75
CA GLU A 224 -4.58 -5.26 9.70
C GLU A 224 -3.09 -4.97 9.90
N ALA A 225 -2.43 -5.74 10.77
CA ALA A 225 -1.00 -5.58 11.00
C ALA A 225 -0.21 -6.58 10.15
N CYS A 226 0.93 -6.13 9.58
CA CYS A 226 1.85 -7.03 8.88
C CYS A 226 3.15 -6.29 8.55
N SER A 227 4.17 -7.07 8.18
CA SER A 227 5.48 -6.49 7.88
C SER A 227 5.58 -5.89 6.48
N SER A 228 4.63 -6.13 5.58
CA SER A 228 4.78 -5.55 4.24
C SER A 228 4.26 -4.10 4.14
N THR A 229 3.54 -3.59 5.13
CA THR A 229 3.06 -2.21 5.10
C THR A 229 4.23 -1.21 5.10
N LEU A 230 4.12 -0.16 4.28
CA LEU A 230 5.16 0.86 4.18
C LEU A 230 4.88 2.11 5.03
N ALA A 231 3.66 2.65 5.01
CA ALA A 231 3.36 3.90 5.73
C ALA A 231 1.85 4.02 5.94
N THR A 232 1.42 5.18 6.48
CA THR A 232 0.08 5.39 7.04
C THR A 232 -0.48 6.75 6.64
N THR A 233 -1.80 6.83 6.43
CA THR A 233 -2.53 8.11 6.42
C THR A 233 -3.75 8.04 7.33
N TYR A 234 -4.30 9.21 7.67
CA TYR A 234 -5.51 9.28 8.51
C TYR A 234 -6.74 8.69 7.81
N SER A 235 -7.62 8.11 8.62
CA SER A 235 -8.98 7.71 8.20
C SER A 235 -9.91 7.71 9.42
N SER A 236 -10.97 6.91 9.40
CA SER A 236 -12.00 6.98 10.44
C SER A 236 -11.62 6.13 11.64
N GLY A 237 -12.34 6.35 12.74
CA GLY A 237 -12.19 5.62 14.00
C GLY A 237 -13.52 5.42 14.73
N ASN A 238 -13.61 5.83 16.00
CA ASN A 238 -14.87 5.69 16.74
C ASN A 238 -15.80 6.88 16.44
N GLN A 239 -16.98 6.89 17.07
CA GLN A 239 -17.98 7.89 16.67
C GLN A 239 -17.73 9.27 17.27
N ASN A 240 -16.76 9.42 18.17
CA ASN A 240 -16.32 10.74 18.61
C ASN A 240 -15.22 11.32 17.72
N GLU A 241 -14.70 10.55 16.76
CA GLU A 241 -13.61 10.99 15.89
C GLU A 241 -14.16 11.36 14.51
N LYS A 242 -13.56 12.40 13.90
CA LYS A 242 -14.02 12.89 12.62
C LYS A 242 -13.60 11.95 11.47
N GLN A 243 -14.25 12.13 10.31
CA GLN A 243 -14.06 11.22 9.18
C GLN A 243 -13.59 11.99 7.94
N ILE A 244 -13.67 11.39 6.75
CA ILE A 244 -13.10 11.96 5.54
C ILE A 244 -14.19 12.63 4.69
N VAL A 245 -13.86 13.80 4.15
CA VAL A 245 -14.78 14.64 3.37
C VAL A 245 -14.48 14.46 1.88
N THR A 246 -15.51 14.14 1.08
CA THR A 246 -15.23 13.92 -0.34
C THR A 246 -16.52 14.02 -1.16
N THR A 247 -16.35 13.84 -2.47
CA THR A 247 -17.44 13.80 -3.43
C THR A 247 -18.22 12.49 -3.34
N ASP A 248 -19.54 12.57 -3.46
CA ASP A 248 -20.41 11.40 -3.34
C ASP A 248 -21.25 11.26 -4.61
N LEU A 249 -21.83 10.07 -4.78
CA LEU A 249 -22.68 9.77 -5.93
C LEU A 249 -23.87 10.72 -5.99
N ARG A 250 -24.40 10.92 -7.21
CA ARG A 250 -25.53 11.83 -7.47
C ARG A 250 -25.19 13.29 -7.17
N GLN A 251 -23.95 13.67 -7.45
CA GLN A 251 -23.50 15.06 -7.38
C GLN A 251 -23.62 15.64 -5.98
N LYS A 252 -23.47 14.80 -4.96
CA LYS A 252 -23.55 15.20 -3.56
C LYS A 252 -22.16 15.30 -2.93
N CYS A 253 -22.15 15.69 -1.66
CA CYS A 253 -20.94 15.83 -0.86
C CYS A 253 -21.14 15.02 0.43
N THR A 254 -20.12 14.26 0.85
CA THR A 254 -20.23 13.45 2.05
C THR A 254 -19.13 13.80 3.04
N GLU A 255 -19.44 13.68 4.33
CA GLU A 255 -18.45 13.86 5.38
C GLU A 255 -18.18 12.56 6.15
N SER A 256 -18.57 11.41 5.60
CA SER A 256 -18.51 10.16 6.35
C SER A 256 -17.93 9.02 5.51
N HIS A 257 -16.86 9.30 4.77
CA HIS A 257 -16.09 8.26 4.09
C HIS A 257 -15.11 7.65 5.10
N THR A 258 -14.93 6.32 5.05
CA THR A 258 -14.34 5.58 6.16
C THR A 258 -13.44 4.46 5.67
N GLY A 259 -12.71 3.85 6.63
CA GLY A 259 -12.03 2.59 6.43
C GLY A 259 -10.70 2.69 5.70
N THR A 260 -10.13 1.51 5.45
CA THR A 260 -8.90 1.42 4.67
C THR A 260 -9.08 2.06 3.29
N SER A 261 -10.30 2.05 2.75
CA SER A 261 -10.56 2.60 1.43
C SER A 261 -10.21 4.08 1.34
N ALA A 262 -10.34 4.83 2.44
CA ALA A 262 -10.04 6.25 2.38
C ALA A 262 -8.54 6.55 2.51
N SER A 263 -7.73 5.61 3.01
CA SER A 263 -6.30 5.91 3.24
C SER A 263 -5.48 5.91 1.95
N ALA A 264 -5.67 4.92 1.08
CA ALA A 264 -4.87 4.87 -0.14
C ALA A 264 -5.04 6.08 -1.06
N PRO A 265 -6.27 6.61 -1.30
CA PRO A 265 -6.38 7.81 -2.14
C PRO A 265 -5.63 9.01 -1.61
N LEU A 266 -5.60 9.22 -0.29
CA LEU A 266 -4.83 10.34 0.27
C LEU A 266 -3.34 10.17 -0.01
N ALA A 267 -2.83 8.93 0.12
CA ALA A 267 -1.42 8.69 -0.23
C ALA A 267 -1.16 8.94 -1.71
N ALA A 268 -2.11 8.56 -2.58
CA ALA A 268 -1.93 8.77 -4.02
C ALA A 268 -1.85 10.26 -4.35
N GLY A 269 -2.66 11.10 -3.69
CA GLY A 269 -2.57 12.53 -3.92
C GLY A 269 -1.24 13.11 -3.46
N ILE A 270 -0.76 12.71 -2.29
CA ILE A 270 0.54 13.15 -1.80
C ILE A 270 1.66 12.72 -2.77
N ILE A 271 1.57 11.50 -3.31
CA ILE A 271 2.57 11.07 -4.28
C ILE A 271 2.47 11.90 -5.57
N ALA A 272 1.27 12.36 -5.92
CA ALA A 272 1.13 13.22 -7.10
C ALA A 272 1.84 14.56 -6.91
N LEU A 273 1.72 15.15 -5.72
CA LEU A 273 2.47 16.37 -5.43
C LEU A 273 3.98 16.14 -5.52
N THR A 274 4.44 14.98 -5.07
CA THR A 274 5.87 14.68 -5.09
C THR A 274 6.40 14.54 -6.51
N LEU A 275 5.63 13.90 -7.40
CA LEU A 275 6.04 13.76 -8.80
C LEU A 275 6.09 15.10 -9.52
N GLU A 276 5.15 16.02 -9.21
CA GLU A 276 5.27 17.35 -9.79
C GLU A 276 6.59 18.01 -9.39
N ALA A 277 7.04 17.76 -8.16
CA ALA A 277 8.28 18.36 -7.70
C ALA A 277 9.52 17.75 -8.35
N ASN A 278 9.44 16.53 -8.88
CA ASN A 278 10.58 15.91 -9.59
C ASN A 278 9.99 14.81 -10.47
N LYS A 279 9.75 15.13 -11.75
CA LYS A 279 9.10 14.18 -12.63
C LYS A 279 10.00 13.00 -13.03
N ASN A 280 11.28 13.02 -12.64
CA ASN A 280 12.23 11.97 -13.02
C ASN A 280 12.38 10.87 -11.98
N LEU A 281 11.55 10.86 -10.94
CA LEU A 281 11.64 9.85 -9.90
C LEU A 281 11.18 8.50 -10.43
N THR A 282 11.93 7.44 -10.08
CA THR A 282 11.56 6.07 -10.47
C THR A 282 10.59 5.49 -9.44
N TRP A 283 10.03 4.31 -9.77
CA TRP A 283 9.13 3.65 -8.83
C TRP A 283 9.84 3.32 -7.52
N ARG A 284 11.15 3.00 -7.57
CA ARG A 284 11.91 2.72 -6.36
C ARG A 284 12.30 4.00 -5.61
N ASP A 285 12.66 5.06 -6.34
CA ASP A 285 12.90 6.37 -5.72
C ASP A 285 11.72 6.73 -4.80
N MET A 286 10.49 6.52 -5.29
CA MET A 286 9.32 6.99 -4.55
C MET A 286 9.18 6.24 -3.23
N GLN A 287 9.51 4.95 -3.21
CA GLN A 287 9.47 4.21 -1.94
C GLN A 287 10.58 4.66 -0.99
N HIS A 288 11.77 4.99 -1.53
CA HIS A 288 12.83 5.55 -0.67
C HIS A 288 12.39 6.84 0.00
N LEU A 289 11.72 7.73 -0.75
CA LEU A 289 11.27 9.00 -0.18
C LEU A 289 10.27 8.78 0.95
N VAL A 290 9.32 7.85 0.77
CA VAL A 290 8.34 7.54 1.81
C VAL A 290 9.04 7.04 3.07
N VAL A 291 10.03 6.15 2.92
CA VAL A 291 10.73 5.58 4.09
C VAL A 291 11.44 6.68 4.88
N GLN A 292 12.14 7.59 4.18
CA GLN A 292 12.95 8.60 4.86
C GLN A 292 12.11 9.70 5.52
N THR A 293 10.95 10.07 4.95
CA THR A 293 10.23 11.26 5.43
C THR A 293 9.04 10.97 6.35
N SER A 294 8.57 9.74 6.48
CA SER A 294 7.34 9.50 7.25
C SER A 294 7.61 9.63 8.75
N LYS A 295 6.56 9.94 9.50
CA LYS A 295 6.68 10.44 10.88
C LYS A 295 5.95 9.54 11.87
N PRO A 296 6.66 8.91 12.81
CA PRO A 296 5.98 8.10 13.84
C PRO A 296 5.33 8.91 14.96
N ALA A 297 5.77 10.14 15.20
CA ALA A 297 5.47 10.84 16.46
C ALA A 297 3.99 10.82 16.79
N HIS A 298 3.69 10.40 18.02
CA HIS A 298 2.35 10.45 18.63
C HIS A 298 1.34 9.50 17.98
N LEU A 299 1.79 8.51 17.21
CA LEU A 299 0.93 7.39 16.85
C LEU A 299 1.10 6.30 17.90
N ASN A 300 0.00 5.86 18.51
CA ASN A 300 0.04 4.90 19.62
C ASN A 300 0.02 3.47 19.10
N ALA A 301 1.00 2.67 19.54
CA ALA A 301 1.09 1.25 19.22
C ALA A 301 1.97 0.59 20.27
N ASN A 302 1.73 -0.69 20.52
CA ASN A 302 2.56 -1.38 21.50
C ASN A 302 3.78 -2.09 20.89
N ASP A 303 4.03 -1.95 19.59
CA ASP A 303 5.11 -2.69 18.94
C ASP A 303 6.12 -1.79 18.22
N TRP A 304 6.20 -0.50 18.54
CA TRP A 304 7.24 0.35 17.95
C TRP A 304 8.62 -0.22 18.27
N ALA A 305 9.48 -0.30 17.25
CA ALA A 305 10.83 -0.83 17.41
C ALA A 305 11.78 -0.04 16.53
N THR A 306 13.04 0.04 16.97
CA THR A 306 14.06 0.75 16.23
C THR A 306 14.87 -0.26 15.42
N ASN A 307 15.04 -0.02 14.12
CA ASN A 307 15.67 -1.01 13.27
C ASN A 307 17.19 -0.76 13.23
N GLY A 308 17.88 -1.41 12.30
CA GLY A 308 19.34 -1.38 12.31
C GLY A 308 19.94 -0.05 11.92
N VAL A 309 19.17 0.83 11.28
CA VAL A 309 19.69 2.14 10.88
C VAL A 309 19.03 3.27 11.68
N GLY A 310 18.45 2.95 12.84
CA GLY A 310 17.93 3.96 13.72
C GLY A 310 16.54 4.49 13.42
N ARG A 311 15.76 3.84 12.55
CA ARG A 311 14.41 4.29 12.21
C ARG A 311 13.37 3.51 13.01
N LYS A 312 12.33 4.21 13.47
CA LYS A 312 11.23 3.57 14.19
C LYS A 312 10.25 2.94 13.20
N VAL A 313 9.81 1.71 13.48
CA VAL A 313 8.93 0.99 12.56
C VAL A 313 7.95 0.14 13.35
N SER A 314 6.70 0.04 12.85
CA SER A 314 5.61 -0.69 13.50
C SER A 314 4.87 -1.54 12.49
N HIS A 315 4.32 -2.68 12.94
CA HIS A 315 3.55 -3.51 12.03
C HIS A 315 2.17 -2.91 11.75
N SER A 316 1.67 -2.04 12.63
CA SER A 316 0.40 -1.36 12.37
C SER A 316 0.54 -0.16 11.43
N TYR A 317 1.70 0.50 11.42
CA TYR A 317 1.85 1.78 10.73
C TYR A 317 3.01 1.85 9.73
N GLY A 318 3.85 0.83 9.63
CA GLY A 318 5.03 0.96 8.78
C GLY A 318 5.98 1.99 9.38
N TYR A 319 6.49 2.90 8.53
CA TYR A 319 7.37 3.97 9.03
C TYR A 319 6.63 5.19 9.57
N GLY A 320 5.29 5.19 9.57
CA GLY A 320 4.53 6.27 10.17
C GLY A 320 3.66 7.06 9.21
N LEU A 321 3.25 8.26 9.63
CA LEU A 321 2.34 9.09 8.83
C LEU A 321 3.09 9.77 7.68
N LEU A 322 2.47 9.81 6.50
CA LEU A 322 3.05 10.59 5.41
C LEU A 322 3.10 12.08 5.78
N ASP A 323 4.11 12.76 5.24
CA ASP A 323 4.38 14.18 5.47
C ASP A 323 4.59 14.84 4.11
N ALA A 324 3.56 15.51 3.60
CA ALA A 324 3.61 16.00 2.22
C ALA A 324 4.67 17.08 2.04
N GLY A 325 4.78 18.02 2.99
CA GLY A 325 5.79 19.06 2.87
C GLY A 325 7.21 18.52 2.81
N ALA A 326 7.48 17.47 3.60
CA ALA A 326 8.81 16.88 3.60
C ALA A 326 9.09 16.09 2.33
N MET A 327 8.07 15.39 1.81
CA MET A 327 8.21 14.65 0.56
C MET A 327 8.60 15.56 -0.60
N VAL A 328 7.88 16.69 -0.77
CA VAL A 328 8.15 17.55 -1.94
C VAL A 328 9.49 18.25 -1.78
N ALA A 329 9.90 18.54 -0.56
CA ALA A 329 11.19 19.20 -0.35
C ALA A 329 12.35 18.28 -0.69
N LEU A 330 12.32 17.05 -0.18
CA LEU A 330 13.39 16.09 -0.42
C LEU A 330 13.42 15.64 -1.88
N ALA A 331 12.27 15.62 -2.57
CA ALA A 331 12.23 15.19 -3.96
C ALA A 331 13.06 16.08 -4.88
N GLN A 332 13.10 17.39 -4.59
CA GLN A 332 13.59 18.34 -5.58
C GLN A 332 15.05 18.10 -5.96
N ASN A 333 15.90 17.76 -4.99
CA ASN A 333 17.30 17.47 -5.30
C ASN A 333 17.68 16.00 -5.10
N TRP A 334 16.71 15.09 -5.22
CA TRP A 334 16.97 13.66 -5.03
C TRP A 334 17.82 13.10 -6.17
N THR A 335 18.83 12.31 -5.82
CA THR A 335 19.65 11.61 -6.82
C THR A 335 19.11 10.19 -7.04
N THR A 336 18.86 9.85 -8.31
CA THR A 336 18.28 8.55 -8.65
C THR A 336 19.10 7.40 -8.08
N VAL A 337 18.40 6.38 -7.55
CA VAL A 337 19.08 5.20 -7.01
C VAL A 337 19.68 4.35 -8.12
N ALA A 338 20.69 3.55 -7.76
CA ALA A 338 21.34 2.63 -8.68
C ALA A 338 20.37 1.52 -9.12
N PRO A 339 20.68 0.79 -10.21
CA PRO A 339 19.76 -0.27 -10.65
C PRO A 339 19.60 -1.33 -9.56
N GLN A 340 18.42 -1.96 -9.54
CA GLN A 340 18.07 -2.91 -8.49
C GLN A 340 18.79 -4.24 -8.69
N ARG A 341 19.44 -4.76 -7.64
CA ARG A 341 20.05 -6.09 -7.64
C ARG A 341 19.16 -7.07 -6.87
N LYS A 342 19.33 -8.37 -7.16
CA LYS A 342 18.55 -9.47 -6.58
C LYS A 342 19.48 -10.62 -6.25
N CYS A 343 19.51 -11.03 -4.97
CA CYS A 343 20.39 -12.10 -4.49
C CYS A 343 19.52 -13.21 -3.89
N ILE A 344 19.62 -14.42 -4.45
CA ILE A 344 18.76 -15.56 -4.10
C ILE A 344 19.58 -16.54 -3.28
N ILE A 345 19.09 -16.91 -2.09
CA ILE A 345 19.78 -17.84 -1.19
C ILE A 345 18.84 -18.97 -0.80
N ASP A 346 19.11 -20.19 -1.28
CA ASP A 346 18.31 -21.35 -0.90
C ASP A 346 18.84 -21.91 0.41
N ILE A 347 18.02 -21.90 1.46
CA ILE A 347 18.51 -22.08 2.83
C ILE A 347 18.63 -23.56 3.20
N LEU A 348 17.59 -24.37 2.92
CA LEU A 348 17.51 -25.70 3.53
C LEU A 348 18.30 -26.76 2.76
N THR A 349 18.95 -27.66 3.50
CA THR A 349 19.55 -28.86 2.91
C THR A 349 18.66 -30.10 3.00
N GLU A 350 17.61 -30.07 3.83
CA GLU A 350 16.70 -31.19 4.01
C GLU A 350 15.43 -30.67 4.68
N PRO A 351 14.31 -31.37 4.52
CA PRO A 351 13.07 -30.92 5.18
C PRO A 351 13.17 -31.03 6.69
N LYS A 352 12.36 -30.22 7.38
CA LYS A 352 12.40 -30.09 8.84
C LYS A 352 10.99 -30.21 9.41
N ASP A 353 10.83 -31.06 10.41
CA ASP A 353 9.55 -31.16 11.11
C ASP A 353 9.31 -29.92 11.97
N ILE A 354 8.08 -29.43 11.98
CA ILE A 354 7.79 -28.20 12.70
C ILE A 354 7.52 -28.49 14.18
N GLY A 355 6.61 -29.41 14.46
CA GLY A 355 6.31 -29.73 15.85
C GLY A 355 5.76 -28.54 16.60
N LYS A 356 6.24 -28.35 17.84
CA LYS A 356 5.78 -27.21 18.63
C LYS A 356 6.53 -25.93 18.26
N ARG A 357 7.81 -26.06 17.89
CA ARG A 357 8.60 -24.89 17.56
C ARG A 357 9.77 -25.32 16.69
N LEU A 358 10.08 -24.50 15.67
CA LEU A 358 11.23 -24.73 14.81
C LEU A 358 11.99 -23.43 14.61
N GLU A 359 13.32 -23.52 14.69
CA GLU A 359 14.19 -22.38 14.46
C GLU A 359 15.25 -22.77 13.42
N VAL A 360 15.43 -21.92 12.41
CA VAL A 360 16.38 -22.15 11.32
C VAL A 360 17.33 -20.97 11.25
N ARG A 361 18.62 -21.22 11.44
CA ARG A 361 19.66 -20.19 11.45
C ARG A 361 20.58 -20.36 10.25
N LYS A 362 20.94 -19.25 9.60
CA LYS A 362 21.81 -19.33 8.43
C LYS A 362 22.61 -18.05 8.26
N THR A 363 23.93 -18.19 8.12
CA THR A 363 24.80 -17.05 7.86
C THR A 363 25.02 -16.90 6.35
N VAL A 364 24.78 -15.71 5.80
CA VAL A 364 24.87 -15.48 4.36
C VAL A 364 25.89 -14.40 4.03
N THR A 365 26.43 -14.46 2.81
CA THR A 365 27.34 -13.43 2.31
C THR A 365 26.66 -12.38 1.44
N ALA A 366 25.39 -12.61 1.06
CA ALA A 366 24.62 -11.66 0.25
C ALA A 366 25.30 -11.43 -1.10
N CYS A 367 25.74 -12.54 -1.71
CA CYS A 367 26.30 -12.56 -3.06
C CYS A 367 27.62 -11.78 -3.16
N LEU A 368 28.41 -11.81 -2.09
CA LEU A 368 29.75 -11.24 -2.08
C LEU A 368 30.58 -11.71 -3.28
N GLY A 369 31.26 -10.77 -3.93
CA GLY A 369 32.12 -11.06 -5.05
C GLY A 369 31.44 -11.12 -6.40
N GLU A 370 30.12 -11.01 -6.45
CA GLU A 370 29.35 -11.22 -7.66
C GLU A 370 28.64 -9.93 -8.08
N PRO A 371 28.18 -9.83 -9.33
CA PRO A 371 27.57 -8.58 -9.77
C PRO A 371 26.28 -8.22 -9.04
N ASN A 372 25.64 -9.16 -8.33
CA ASN A 372 24.42 -8.86 -7.58
C ASN A 372 24.66 -8.76 -6.08
N HIS A 373 25.90 -8.46 -5.67
CA HIS A 373 26.22 -8.18 -4.27
C HIS A 373 25.40 -7.01 -3.73
N ILE A 374 24.75 -7.20 -2.57
CA ILE A 374 23.90 -6.20 -1.94
C ILE A 374 24.49 -5.85 -0.57
N THR A 375 24.85 -4.59 -0.36
CA THR A 375 25.17 -4.09 0.96
C THR A 375 24.11 -3.15 1.52
N ARG A 376 23.13 -2.73 0.71
CA ARG A 376 22.09 -1.78 1.11
C ARG A 376 20.73 -2.38 0.74
N LEU A 377 20.06 -2.96 1.73
CA LEU A 377 18.81 -3.68 1.48
C LEU A 377 17.64 -2.73 1.18
N GLU A 378 16.73 -3.20 0.31
CA GLU A 378 15.42 -2.58 0.15
C GLU A 378 14.41 -3.56 0.74
N HIS A 379 13.65 -4.29 -0.09
CA HIS A 379 12.74 -5.33 0.39
C HIS A 379 13.47 -6.66 0.65
N ALA A 380 12.94 -7.47 1.57
CA ALA A 380 13.39 -8.86 1.72
C ALA A 380 12.18 -9.80 1.76
N GLN A 381 12.33 -10.98 1.14
CA GLN A 381 11.27 -12.00 1.14
C GLN A 381 11.80 -13.30 1.74
N ALA A 382 10.96 -13.98 2.53
CA ALA A 382 11.17 -15.38 2.89
C ALA A 382 10.11 -16.20 2.17
N ARG A 383 10.51 -16.92 1.12
CA ARG A 383 9.56 -17.71 0.33
C ARG A 383 9.50 -19.12 0.90
N LEU A 384 8.34 -19.51 1.42
CA LEU A 384 8.20 -20.70 2.25
C LEU A 384 7.25 -21.71 1.64
N THR A 385 7.65 -22.99 1.66
CA THR A 385 6.76 -24.10 1.35
C THR A 385 6.67 -25.00 2.58
N LEU A 386 5.44 -25.24 3.06
CA LEU A 386 5.27 -26.07 4.25
C LEU A 386 3.88 -26.68 4.26
N SER A 387 3.76 -27.81 4.97
CA SER A 387 2.48 -28.43 5.28
C SER A 387 2.19 -28.29 6.77
N TYR A 388 0.89 -28.22 7.10
CA TYR A 388 0.45 -28.12 8.49
C TYR A 388 -1.03 -28.47 8.56
N ASN A 389 -1.47 -28.99 9.71
CA ASN A 389 -2.85 -29.45 9.81
C ASN A 389 -3.86 -28.31 10.10
N ARG A 390 -3.46 -27.24 10.79
CA ARG A 390 -4.36 -26.07 10.98
C ARG A 390 -3.55 -24.79 10.81
N ARG A 391 -3.68 -24.15 9.64
CA ARG A 391 -2.76 -23.09 9.23
C ARG A 391 -2.78 -21.90 10.20
N GLY A 392 -3.96 -21.55 10.72
CA GLY A 392 -4.11 -20.37 11.57
C GLY A 392 -3.47 -20.47 12.94
N ASP A 393 -3.01 -21.65 13.35
CA ASP A 393 -2.30 -21.75 14.62
C ASP A 393 -0.82 -21.37 14.50
N LEU A 394 -0.32 -21.13 13.29
CA LEU A 394 1.10 -20.81 13.11
C LEU A 394 1.37 -19.31 13.31
N ALA A 395 2.51 -19.02 13.95
CA ALA A 395 3.11 -17.69 13.94
C ALA A 395 4.54 -17.81 13.42
N ILE A 396 4.96 -16.84 12.60
CA ILE A 396 6.24 -16.89 11.90
C ILE A 396 6.97 -15.56 12.05
N HIS A 397 8.26 -15.61 12.46
CA HIS A 397 9.09 -14.43 12.63
C HIS A 397 10.43 -14.62 11.92
N LEU A 398 11.02 -13.49 11.49
CA LEU A 398 12.30 -13.45 10.78
C LEU A 398 13.16 -12.33 11.38
N VAL A 399 14.40 -12.65 11.77
CA VAL A 399 15.30 -11.68 12.40
C VAL A 399 16.47 -11.42 11.47
N SER A 400 16.76 -10.13 11.20
CA SER A 400 17.86 -9.75 10.31
C SER A 400 19.19 -9.74 11.08
N PRO A 401 20.32 -9.74 10.35
CA PRO A 401 21.62 -9.70 11.04
C PRO A 401 21.82 -8.49 11.96
N MET A 402 21.13 -7.38 11.69
N MET A 402 21.15 -7.38 11.69
CA MET A 402 21.19 -6.20 12.53
CA MET A 402 21.25 -6.22 12.57
C MET A 402 20.23 -6.26 13.72
C MET A 402 20.21 -6.26 13.69
N GLY A 403 19.56 -7.39 13.91
CA GLY A 403 18.70 -7.59 15.05
C GLY A 403 17.24 -7.18 14.89
N THR A 404 16.78 -6.87 13.68
CA THR A 404 15.39 -6.40 13.49
C THR A 404 14.45 -7.61 13.31
N ARG A 405 13.45 -7.70 14.17
CA ARG A 405 12.53 -8.84 14.18
C ARG A 405 11.25 -8.47 13.45
N SER A 406 10.98 -9.15 12.33
CA SER A 406 9.77 -8.92 11.54
C SER A 406 8.78 -10.04 11.78
N THR A 407 7.53 -9.69 12.08
CA THR A 407 6.44 -10.67 12.15
C THR A 407 5.94 -10.94 10.73
N LEU A 408 6.27 -12.12 10.19
CA LEU A 408 5.80 -12.48 8.86
C LEU A 408 4.36 -13.01 8.88
N LEU A 409 3.96 -13.67 9.97
CA LEU A 409 2.61 -14.21 10.09
C LEU A 409 2.25 -14.27 11.57
N ALA A 410 1.13 -13.66 11.94
CA ALA A 410 0.56 -13.78 13.27
C ALA A 410 -0.59 -14.79 13.23
N ALA A 411 -0.98 -15.27 14.41
CA ALA A 411 -2.06 -16.26 14.50
C ALA A 411 -3.36 -15.73 13.89
N ARG A 412 -4.07 -16.60 13.17
CA ARG A 412 -5.36 -16.25 12.56
C ARG A 412 -6.41 -17.25 13.05
N PRO A 413 -7.22 -16.88 14.04
CA PRO A 413 -8.12 -17.88 14.68
C PRO A 413 -9.10 -18.55 13.73
N HIS A 414 -9.58 -17.85 12.70
CA HIS A 414 -10.54 -18.42 11.77
C HIS A 414 -9.93 -19.31 10.68
N ASP A 415 -8.61 -19.35 10.56
CA ASP A 415 -7.95 -20.05 9.43
C ASP A 415 -7.76 -21.53 9.81
N TYR A 416 -8.73 -22.37 9.43
CA TYR A 416 -8.69 -23.80 9.71
C TYR A 416 -8.03 -24.61 8.60
N SER A 417 -7.54 -23.98 7.53
CA SER A 417 -7.13 -24.70 6.33
C SER A 417 -6.02 -25.72 6.62
N ALA A 418 -6.11 -26.87 5.96
CA ALA A 418 -5.03 -27.85 5.99
C ALA A 418 -4.16 -27.78 4.75
N ASP A 419 -4.23 -26.69 3.98
CA ASP A 419 -3.52 -26.57 2.72
C ASP A 419 -2.12 -25.98 2.83
N GLY A 420 -1.71 -25.46 3.99
CA GLY A 420 -0.32 -24.99 4.12
C GLY A 420 -0.01 -23.78 3.25
N PHE A 421 1.28 -23.59 2.97
CA PHE A 421 1.77 -22.52 2.10
C PHE A 421 2.61 -23.12 0.96
N ASN A 422 2.32 -22.71 -0.27
CA ASN A 422 2.99 -23.25 -1.45
C ASN A 422 3.85 -22.15 -2.07
N ASP A 423 5.13 -22.10 -1.67
CA ASP A 423 6.08 -21.06 -2.09
C ASP A 423 5.50 -19.65 -1.94
N TRP A 424 4.96 -19.35 -0.76
CA TRP A 424 4.38 -18.04 -0.51
C TRP A 424 5.47 -17.06 -0.08
N ALA A 425 5.50 -15.87 -0.70
CA ALA A 425 6.62 -14.93 -0.53
C ALA A 425 6.31 -13.85 0.51
N PHE A 426 6.40 -14.22 1.79
CA PHE A 426 6.22 -13.24 2.88
C PHE A 426 7.25 -12.11 2.76
N MET A 427 6.81 -10.85 2.84
CA MET A 427 7.71 -9.72 2.58
C MET A 427 7.82 -8.78 3.78
N THR A 428 9.03 -8.22 4.01
CA THR A 428 9.19 -7.21 5.06
C THR A 428 9.89 -5.96 4.54
N THR A 429 9.37 -4.80 4.96
CA THR A 429 9.98 -3.49 4.70
C THR A 429 10.82 -3.00 5.87
N HIS A 430 10.83 -3.73 6.99
CA HIS A 430 11.36 -3.21 8.25
C HIS A 430 12.89 -3.17 8.33
N SER A 431 13.60 -3.78 7.37
CA SER A 431 15.07 -3.77 7.35
C SER A 431 15.63 -2.90 6.22
N TRP A 432 14.81 -2.01 5.66
CA TRP A 432 15.25 -1.09 4.60
C TRP A 432 16.52 -0.34 5.02
N ASP A 433 17.51 -0.31 4.12
CA ASP A 433 18.83 0.33 4.25
C ASP A 433 19.82 -0.41 5.16
N GLU A 434 19.45 -1.55 5.76
CA GLU A 434 20.39 -2.36 6.52
C GLU A 434 21.33 -3.15 5.60
N ASP A 435 22.51 -3.52 6.14
CA ASP A 435 23.41 -4.46 5.47
C ASP A 435 22.90 -5.88 5.72
N PRO A 436 22.58 -6.66 4.67
CA PRO A 436 22.00 -7.99 4.90
C PRO A 436 23.02 -9.12 5.06
N SER A 437 24.31 -8.84 5.06
CA SER A 437 25.32 -9.88 5.30
C SER A 437 25.26 -10.33 6.75
N GLY A 438 25.40 -11.64 6.99
CA GLY A 438 25.40 -12.13 8.37
C GLY A 438 24.34 -13.15 8.70
N GLU A 439 23.98 -13.30 9.98
CA GLU A 439 23.07 -14.36 10.39
C GLU A 439 21.60 -13.94 10.35
N TRP A 440 20.79 -14.71 9.63
CA TRP A 440 19.33 -14.58 9.59
C TRP A 440 18.71 -15.73 10.39
N VAL A 441 17.59 -15.46 11.06
CA VAL A 441 16.91 -16.48 11.86
C VAL A 441 15.42 -16.51 11.49
N LEU A 442 14.91 -17.70 11.16
CA LEU A 442 13.49 -17.93 10.95
C LEU A 442 12.92 -18.75 12.10
N GLU A 443 11.79 -18.31 12.66
CA GLU A 443 11.11 -19.00 13.75
C GLU A 443 9.68 -19.31 13.32
N ILE A 444 9.29 -20.58 13.46
CA ILE A 444 7.91 -21.04 13.24
C ILE A 444 7.42 -21.69 14.52
N GLU A 445 6.25 -21.28 15.02
CA GLU A 445 5.77 -21.87 16.26
C GLU A 445 4.26 -22.11 16.24
N ASN A 446 3.86 -23.14 16.99
CA ASN A 446 2.46 -23.45 17.21
C ASN A 446 1.96 -22.64 18.41
N THR A 447 0.98 -21.77 18.18
CA THR A 447 0.51 -20.88 19.23
C THR A 447 -0.64 -21.48 20.05
N SER A 448 -1.07 -22.71 19.77
CA SER A 448 -2.18 -23.31 20.48
C SER A 448 -1.71 -24.53 21.26
N GLU A 449 -2.57 -24.98 22.18
CA GLU A 449 -2.26 -26.16 22.98
C GLU A 449 -2.50 -27.47 22.24
N ALA A 450 -3.11 -27.45 21.06
CA ALA A 450 -3.38 -28.67 20.32
C ALA A 450 -2.09 -29.31 19.81
N ASN A 451 -2.16 -30.62 19.54
CA ASN A 451 -1.00 -31.37 19.07
C ASN A 451 -1.00 -31.36 17.53
N ASN A 452 -0.46 -30.27 16.99
CA ASN A 452 -0.44 -30.07 15.54
C ASN A 452 0.84 -30.64 14.94
N TYR A 453 0.84 -30.79 13.61
CA TYR A 453 1.97 -31.44 12.95
C TYR A 453 2.12 -30.95 11.51
N GLY A 454 3.36 -30.97 11.02
CA GLY A 454 3.64 -30.61 9.64
C GLY A 454 5.13 -30.50 9.41
N THR A 455 5.49 -30.09 8.19
CA THR A 455 6.88 -30.10 7.73
C THR A 455 7.20 -28.89 6.86
N LEU A 456 8.37 -28.29 7.09
CA LEU A 456 8.92 -27.23 6.24
C LEU A 456 9.85 -27.86 5.20
N THR A 457 9.51 -27.71 3.92
CA THR A 457 10.28 -28.32 2.84
C THR A 457 11.10 -27.35 2.01
N LYS A 458 10.80 -26.05 2.03
CA LYS A 458 11.65 -25.11 1.30
C LYS A 458 11.63 -23.73 1.98
N PHE A 459 12.81 -23.11 2.04
CA PHE A 459 12.97 -21.75 2.55
C PHE A 459 13.99 -21.03 1.67
N THR A 460 13.51 -20.12 0.81
CA THR A 460 14.36 -19.28 -0.01
C THR A 460 14.34 -17.86 0.53
N LEU A 461 15.50 -17.33 0.88
CA LEU A 461 15.62 -15.92 1.26
C LEU A 461 15.98 -15.12 0.02
N VAL A 462 15.15 -14.14 -0.34
CA VAL A 462 15.38 -13.32 -1.53
C VAL A 462 15.61 -11.89 -1.08
N LEU A 463 16.77 -11.33 -1.42
CA LEU A 463 17.17 -9.98 -1.04
C LEU A 463 17.19 -9.07 -2.27
N TYR A 464 16.65 -7.85 -2.11
CA TYR A 464 16.67 -6.81 -3.16
C TYR A 464 17.41 -5.58 -2.63
N GLY A 465 18.14 -4.88 -3.51
CA GLY A 465 18.78 -3.63 -3.08
C GLY A 465 19.98 -3.26 -3.96
N THR A 466 20.92 -2.51 -3.36
CA THR A 466 22.05 -1.93 -4.09
C THR A 466 23.33 -2.13 -3.30
N ALA A 467 24.45 -1.69 -3.88
CA ALA A 467 25.74 -1.69 -3.18
C ALA A 467 26.34 -0.29 -3.09
N SER A 468 25.52 0.75 -3.20
CA SER A 468 26.01 2.12 -3.07
C SER A 468 25.01 2.97 -2.28
N ARG B 3 -20.02 -15.11 -2.58
CA ARG B 3 -18.61 -14.97 -2.22
C ARG B 3 -17.80 -14.47 -3.44
N ARG B 4 -17.65 -13.15 -3.53
CA ARG B 4 -16.91 -12.50 -4.64
C ARG B 4 -15.41 -12.82 -4.50
N ARG B 5 -14.71 -12.85 -5.64
CA ARG B 5 -13.25 -13.09 -5.63
C ARG B 5 -12.53 -11.86 -5.01
N ARG B 6 -13.04 -10.65 -5.36
CA ARG B 6 -12.46 -9.37 -4.90
C ARG B 6 -13.56 -8.44 -4.34
N ARG B 8 -14.71 -4.45 -2.40
CA ARG B 8 -14.42 -3.02 -2.16
C ARG B 8 -13.84 -2.99 -0.73
#